data_4KA0
#
_entry.id   4KA0
#
_cell.length_a   71.040
_cell.length_b   90.510
_cell.length_c   96.630
_cell.angle_alpha   90.000
_cell.angle_beta   90.000
_cell.angle_gamma   90.000
#
_symmetry.space_group_name_H-M   'P 21 2 21'
#
loop_
_entity.id
_entity.type
_entity.pdbx_description
1 polymer 'Putative thiol-disulfide oxidoreductase'
2 non-polymer 'CHLORIDE ION'
3 water water
#
_entity_poly.entity_id   1
_entity_poly.type   'polypeptide(L)'
_entity_poly.pdbx_seq_one_letter_code
;MSLNADFATEIEGKIVQASKLLPGQPAIDFEMLDVEGNVKHLADFKGKVIYIDLWATWCGPCIQESPAFEALGKKYVGKD
IVFLPVSTDTTTKPWLRYLDGHKKELTQYHSNDVALKESWAIMYIPRFILIDKDFNIVNAYAPRPSSEEIGTLIDSVLNK
EGHHHHHH
;
_entity_poly.pdbx_strand_id   A,B,C,D
#
# COMPACT_ATOMS: atom_id res chain seq x y z
N ALA A 18 19.86 9.62 -7.89
CA ALA A 18 20.82 10.73 -8.21
C ALA A 18 20.14 12.08 -8.53
N SER A 19 20.93 13.15 -8.57
CA SER A 19 20.46 14.45 -9.07
C SER A 19 19.97 14.40 -10.54
N LYS A 20 20.37 13.38 -11.27
CA LYS A 20 19.96 13.25 -12.65
C LYS A 20 18.50 12.83 -12.84
N LEU A 21 17.87 12.25 -11.79
CA LEU A 21 16.46 11.87 -11.79
C LEU A 21 15.50 12.93 -11.20
N LEU A 22 15.96 14.17 -11.07
CA LEU A 22 15.08 15.22 -10.56
C LEU A 22 14.14 15.70 -11.62
N PRO A 23 12.94 16.14 -11.21
CA PRO A 23 12.04 16.71 -12.19
C PRO A 23 12.69 17.79 -13.01
N GLY A 24 12.42 17.81 -14.30
CA GLY A 24 13.09 18.74 -15.20
C GLY A 24 14.34 18.16 -15.86
N GLN A 25 14.94 17.15 -15.26
CA GLN A 25 16.04 16.45 -15.93
C GLN A 25 15.58 15.60 -17.14
N PRO A 26 16.40 15.49 -18.22
CA PRO A 26 16.08 14.61 -19.36
C PRO A 26 15.83 13.15 -18.94
N ALA A 27 14.79 12.50 -19.47
CA ALA A 27 14.57 11.10 -19.19
C ALA A 27 15.72 10.26 -19.78
N ILE A 28 15.81 8.98 -19.45
CA ILE A 28 16.91 8.12 -19.92
C ILE A 28 16.35 6.99 -20.74
N ASP A 29 16.93 6.80 -21.92
CA ASP A 29 16.44 5.76 -22.83
C ASP A 29 16.60 4.36 -22.23
N PHE A 30 15.71 3.44 -22.57
CA PHE A 30 15.96 2.05 -22.36
C PHE A 30 15.22 1.22 -23.40
N GLU A 31 15.73 0.02 -23.61
CA GLU A 31 15.21 -0.87 -24.65
C GLU A 31 14.17 -1.77 -24.09
N MET A 32 13.13 -2.02 -24.88
CA MET A 32 12.12 -2.95 -24.44
C MET A 32 11.60 -3.79 -25.62
N LEU A 33 11.01 -4.93 -25.31
CA LEU A 33 10.45 -5.86 -26.31
C LEU A 33 8.95 -6.08 -26.09
N ASP A 34 8.20 -6.16 -27.19
CA ASP A 34 6.77 -6.49 -27.11
C ASP A 34 6.57 -8.01 -27.16
N VAL A 35 5.32 -8.48 -27.17
CA VAL A 35 5.09 -9.93 -27.04
C VAL A 35 5.51 -10.72 -28.29
N GLU A 36 5.76 -10.03 -29.37
CA GLU A 36 6.20 -10.62 -30.63
C GLU A 36 7.73 -10.63 -30.76
N GLY A 37 8.42 -10.06 -29.79
CA GLY A 37 9.83 -9.82 -29.94
C GLY A 37 10.21 -8.58 -30.74
N ASN A 38 9.28 -7.71 -31.12
CA ASN A 38 9.71 -6.44 -31.75
C ASN A 38 10.42 -5.55 -30.70
N VAL A 39 11.41 -4.76 -31.12
CA VAL A 39 12.15 -3.91 -30.21
C VAL A 39 11.64 -2.47 -30.26
N LYS A 40 11.47 -1.85 -29.09
CA LYS A 40 11.15 -0.40 -29.02
C LYS A 40 12.01 0.20 -27.95
N HIS A 41 12.37 1.46 -28.13
CA HIS A 41 13.13 2.18 -27.15
C HIS A 41 12.24 3.32 -26.62
N LEU A 42 12.30 3.55 -25.32
CA LEU A 42 11.52 4.59 -24.63
C LEU A 42 11.64 5.88 -25.33
N ALA A 43 12.85 6.23 -25.77
CA ALA A 43 13.02 7.52 -26.45
C ALA A 43 12.23 7.66 -27.77
N ASP A 44 11.85 6.53 -28.35
CA ASP A 44 11.01 6.59 -29.56
C ASP A 44 9.70 7.38 -29.32
N PHE A 45 9.28 7.43 -28.05
CA PHE A 45 7.99 8.00 -27.68
C PHE A 45 8.11 9.52 -27.35
N LYS A 46 9.31 10.07 -27.47
CA LYS A 46 9.50 11.48 -27.30
C LYS A 46 8.50 12.26 -28.13
N GLY A 47 7.84 13.22 -27.50
CA GLY A 47 6.76 14.01 -28.12
C GLY A 47 5.43 13.75 -27.47
N LYS A 48 5.29 12.60 -26.81
CA LYS A 48 4.15 12.26 -26.03
C LYS A 48 4.50 12.19 -24.53
N VAL A 49 3.50 12.42 -23.69
CA VAL A 49 3.62 12.20 -22.27
C VAL A 49 3.77 10.70 -22.18
N ILE A 50 4.53 10.24 -21.20
CA ILE A 50 4.77 8.83 -21.01
C ILE A 50 4.55 8.46 -19.54
N TYR A 51 3.70 7.49 -19.31
CA TYR A 51 3.49 6.96 -17.98
C TYR A 51 3.87 5.47 -18.05
N ILE A 52 4.88 5.13 -17.26
CA ILE A 52 5.46 3.77 -17.27
C ILE A 52 5.09 3.04 -16.02
N ASP A 53 4.60 1.84 -16.18
CA ASP A 53 4.36 0.90 -15.09
C ASP A 53 5.37 -0.26 -15.15
N LEU A 54 6.35 -0.26 -14.26
CA LEU A 54 7.37 -1.32 -14.15
C LEU A 54 6.95 -2.26 -13.09
N TRP A 55 6.61 -3.49 -13.49
CA TRP A 55 5.97 -4.50 -12.71
C TRP A 55 6.59 -5.89 -12.95
N ALA A 56 6.14 -6.90 -12.21
CA ALA A 56 6.47 -8.30 -12.58
C ALA A 56 5.40 -9.20 -12.11
N THR A 57 5.28 -10.39 -12.71
CA THR A 57 4.14 -11.34 -12.44
C THR A 57 3.99 -11.83 -11.00
N TRP A 58 5.07 -11.80 -10.22
CA TRP A 58 4.96 -12.28 -8.83
C TRP A 58 4.87 -11.19 -7.78
N CYS A 59 4.85 -9.94 -8.23
CA CYS A 59 4.73 -8.78 -7.35
C CYS A 59 3.23 -8.45 -7.19
N GLY A 60 2.65 -8.93 -6.10
CA GLY A 60 1.24 -8.68 -5.84
C GLY A 60 0.82 -7.22 -5.95
N PRO A 61 1.48 -6.35 -5.20
CA PRO A 61 1.13 -4.94 -5.33
C PRO A 61 1.24 -4.41 -6.74
N CYS A 62 2.14 -4.99 -7.55
CA CYS A 62 2.23 -4.57 -8.95
C CYS A 62 0.96 -4.86 -9.73
N ILE A 63 0.49 -6.10 -9.64
CA ILE A 63 -0.68 -6.44 -10.44
C ILE A 63 -1.97 -5.94 -9.82
N GLN A 64 -1.97 -5.60 -8.52
CA GLN A 64 -3.09 -4.88 -7.94
C GLN A 64 -3.41 -3.59 -8.69
N GLU A 65 -2.42 -3.01 -9.37
CA GLU A 65 -2.53 -1.78 -10.10
C GLU A 65 -2.87 -1.96 -11.59
N SER A 66 -2.87 -3.21 -12.04
CA SER A 66 -3.02 -3.51 -13.47
C SER A 66 -4.36 -2.96 -13.97
N PRO A 67 -5.46 -3.31 -13.30
CA PRO A 67 -6.76 -2.77 -13.76
C PRO A 67 -6.78 -1.24 -13.90
N ALA A 68 -6.21 -0.53 -12.94
CA ALA A 68 -6.30 0.86 -12.98
C ALA A 68 -5.44 1.39 -14.12
N PHE A 69 -4.31 0.75 -14.40
CA PHE A 69 -3.38 1.21 -15.42
C PHE A 69 -4.07 1.07 -16.83
N GLU A 70 -4.81 -0.03 -16.95
CA GLU A 70 -5.57 -0.35 -18.17
C GLU A 70 -6.74 0.61 -18.30
N ALA A 71 -7.52 0.79 -17.23
CA ALA A 71 -8.57 1.84 -17.19
C ALA A 71 -8.01 3.18 -17.64
N LEU A 72 -6.81 3.57 -17.16
CA LEU A 72 -6.23 4.86 -17.60
C LEU A 72 -5.89 4.91 -19.10
N GLY A 73 -5.32 3.84 -19.65
CA GLY A 73 -5.10 3.80 -21.10
C GLY A 73 -6.39 3.99 -21.92
N LYS A 74 -7.50 3.44 -21.43
CA LYS A 74 -8.82 3.65 -22.00
C LYS A 74 -9.32 5.06 -21.80
N LYS A 75 -9.29 5.56 -20.57
CA LYS A 75 -9.66 6.94 -20.33
C LYS A 75 -8.96 7.94 -21.23
N TYR A 76 -7.70 7.68 -21.62
CA TYR A 76 -6.93 8.69 -22.36
C TYR A 76 -6.66 8.32 -23.79
N VAL A 77 -7.40 7.35 -24.35
CA VAL A 77 -7.17 6.94 -25.74
C VAL A 77 -7.26 8.14 -26.72
N GLY A 78 -6.40 8.22 -27.73
CA GLY A 78 -6.34 9.39 -28.65
C GLY A 78 -5.65 10.68 -28.19
N LYS A 79 -5.34 10.78 -26.89
CA LYS A 79 -4.65 11.95 -26.31
C LYS A 79 -3.16 11.75 -26.41
N ASP A 80 -2.36 12.82 -26.27
CA ASP A 80 -0.90 12.70 -26.51
C ASP A 80 -0.13 12.16 -25.28
N ILE A 81 -0.46 10.94 -24.91
CA ILE A 81 0.16 10.24 -23.81
C ILE A 81 0.22 8.76 -24.18
N VAL A 82 1.30 8.11 -23.84
CA VAL A 82 1.33 6.67 -23.94
C VAL A 82 1.50 6.06 -22.54
N PHE A 83 0.86 4.94 -22.39
CA PHE A 83 0.95 4.09 -21.26
C PHE A 83 1.78 2.83 -21.52
N LEU A 84 2.92 2.71 -20.83
CA LEU A 84 3.80 1.57 -21.09
C LEU A 84 3.89 0.62 -19.93
N PRO A 85 3.20 -0.54 -20.00
CA PRO A 85 3.49 -1.59 -19.00
C PRO A 85 4.70 -2.41 -19.41
N VAL A 86 5.67 -2.39 -18.52
CA VAL A 86 6.95 -3.02 -18.73
C VAL A 86 7.23 -4.03 -17.63
N SER A 87 7.06 -5.29 -17.97
CA SER A 87 7.53 -6.39 -17.14
C SER A 87 9.03 -6.30 -17.01
N THR A 88 9.49 -6.45 -15.76
CA THR A 88 10.90 -6.61 -15.44
C THR A 88 11.22 -8.07 -14.99
N ASP A 89 10.32 -9.01 -15.24
CA ASP A 89 10.62 -10.41 -14.96
C ASP A 89 11.97 -10.77 -15.57
N THR A 90 12.74 -11.56 -14.83
CA THR A 90 14.10 -11.85 -15.27
C THR A 90 14.05 -12.61 -16.63
N THR A 91 13.11 -13.54 -16.73
CA THR A 91 12.90 -14.26 -17.96
C THR A 91 11.52 -13.97 -18.54
N THR A 92 11.44 -14.08 -19.86
CA THR A 92 10.23 -13.85 -20.61
C THR A 92 9.12 -14.88 -20.46
N LYS A 93 9.45 -16.08 -20.02
CA LYS A 93 8.44 -17.15 -20.02
C LYS A 93 7.25 -16.88 -19.09
N PRO A 94 7.49 -16.58 -17.79
CA PRO A 94 6.34 -16.30 -16.90
C PRO A 94 5.53 -15.10 -17.37
N TRP A 95 6.25 -14.09 -17.88
CA TRP A 95 5.58 -12.90 -18.45
C TRP A 95 4.59 -13.31 -19.52
N LEU A 96 5.11 -13.94 -20.57
CA LEU A 96 4.30 -14.49 -21.65
C LEU A 96 3.19 -15.41 -21.11
N ARG A 97 3.51 -16.28 -20.16
CA ARG A 97 2.51 -17.19 -19.60
C ARG A 97 1.44 -16.36 -18.90
N TYR A 98 1.85 -15.33 -18.17
CA TYR A 98 0.91 -14.51 -17.42
C TYR A 98 -0.12 -13.84 -18.31
N LEU A 99 0.34 -13.23 -19.40
CA LEU A 99 -0.55 -12.54 -20.35
C LEU A 99 -1.51 -13.50 -21.07
N ASP A 100 -1.01 -14.70 -21.35
CA ASP A 100 -1.81 -15.82 -21.87
C ASP A 100 -3.16 -15.89 -21.14
N GLY A 101 -3.09 -16.00 -19.82
CA GLY A 101 -4.26 -16.23 -18.97
C GLY A 101 -5.00 -15.00 -18.49
N HIS A 102 -4.34 -13.84 -18.52
CA HIS A 102 -4.99 -12.60 -18.12
C HIS A 102 -4.93 -11.64 -19.28
N LYS A 103 -6.02 -11.50 -20.03
CA LYS A 103 -6.00 -10.57 -21.18
C LYS A 103 -5.97 -9.08 -20.80
N LYS A 104 -5.44 -8.26 -21.71
CA LYS A 104 -5.02 -6.88 -21.40
C LYS A 104 -5.07 -6.06 -22.68
N GLU A 105 -5.62 -4.85 -22.62
CA GLU A 105 -5.85 -4.08 -23.85
C GLU A 105 -4.63 -3.31 -24.34
N LEU A 106 -3.75 -2.87 -23.44
CA LEU A 106 -2.64 -2.00 -23.83
C LEU A 106 -1.61 -2.91 -24.36
N THR A 107 -0.78 -2.40 -25.26
CA THR A 107 0.36 -3.15 -25.73
C THR A 107 1.37 -3.37 -24.61
N GLN A 108 1.72 -4.64 -24.38
CA GLN A 108 2.57 -5.05 -23.29
C GLN A 108 4.04 -5.10 -23.69
N TYR A 109 4.90 -4.65 -22.79
CA TYR A 109 6.32 -4.67 -23.07
C TYR A 109 7.05 -5.36 -21.94
N HIS A 110 8.30 -5.72 -22.24
CA HIS A 110 9.24 -6.41 -21.31
C HIS A 110 10.60 -5.83 -21.43
N SER A 111 11.28 -5.60 -20.29
CA SER A 111 12.67 -5.11 -20.35
C SER A 111 13.63 -5.70 -19.30
N ASN A 112 14.88 -5.89 -19.71
CA ASN A 112 15.97 -6.26 -18.79
C ASN A 112 17.17 -5.38 -19.10
N ASP A 113 16.92 -4.23 -19.72
CA ASP A 113 17.99 -3.29 -20.01
C ASP A 113 18.58 -2.88 -18.66
N VAL A 114 19.89 -2.88 -18.59
CA VAL A 114 20.62 -2.63 -17.34
C VAL A 114 20.54 -1.15 -17.03
N ALA A 115 20.32 -0.35 -18.08
CA ALA A 115 19.97 1.05 -17.96
C ALA A 115 18.88 1.34 -16.89
N LEU A 116 18.02 0.37 -16.64
CA LEU A 116 17.01 0.50 -15.62
C LEU A 116 17.67 0.59 -14.27
N LYS A 117 18.42 -0.45 -13.92
CA LYS A 117 19.07 -0.54 -12.62
C LYS A 117 20.14 0.52 -12.57
N GLU A 118 20.98 0.56 -13.61
CA GLU A 118 22.15 1.41 -13.59
C GLU A 118 21.78 2.88 -13.67
N SER A 119 21.28 3.32 -14.82
CA SER A 119 21.03 4.74 -15.08
C SER A 119 19.74 5.29 -14.43
N TRP A 120 18.67 4.48 -14.39
CA TRP A 120 17.44 4.92 -13.77
C TRP A 120 17.50 4.63 -12.28
N ALA A 121 18.51 3.86 -11.89
CA ALA A 121 18.76 3.54 -10.48
C ALA A 121 17.50 2.98 -9.90
N ILE A 122 16.88 2.06 -10.64
CA ILE A 122 15.62 1.49 -10.21
C ILE A 122 15.91 0.16 -9.57
N MET A 123 15.78 0.05 -8.27
CA MET A 123 16.11 -1.19 -7.60
C MET A 123 14.88 -1.93 -7.14
N TYR A 124 13.74 -1.25 -7.12
CA TYR A 124 12.57 -1.86 -6.54
C TYR A 124 11.35 -1.58 -7.43
N ILE A 125 10.47 -2.55 -7.48
CA ILE A 125 9.15 -2.39 -8.03
C ILE A 125 8.13 -2.58 -6.90
N PRO A 126 6.88 -2.11 -7.10
CA PRO A 126 6.36 -1.39 -8.28
C PRO A 126 7.04 -0.08 -8.45
N ARG A 127 7.07 0.44 -9.63
CA ARG A 127 7.65 1.71 -9.85
C ARG A 127 6.91 2.33 -11.05
N PHE A 128 6.60 3.63 -10.93
CA PHE A 128 5.91 4.37 -11.94
C PHE A 128 6.67 5.64 -12.18
N ILE A 129 6.72 6.00 -13.45
CA ILE A 129 7.45 7.14 -13.89
C ILE A 129 6.57 7.90 -14.83
N LEU A 130 6.64 9.21 -14.73
CA LEU A 130 5.96 10.06 -15.63
C LEU A 130 6.95 11.01 -16.27
N ILE A 131 6.87 11.09 -17.60
CA ILE A 131 7.72 11.89 -18.44
C ILE A 131 6.90 12.80 -19.35
N ASP A 132 7.34 14.03 -19.52
CA ASP A 132 6.64 15.03 -20.30
C ASP A 132 7.00 14.93 -21.77
N LYS A 133 6.34 15.77 -22.59
CA LYS A 133 6.41 15.62 -24.05
C LYS A 133 7.74 16.06 -24.59
N ASP A 134 8.52 16.81 -23.83
CA ASP A 134 9.90 17.13 -24.17
C ASP A 134 10.88 16.01 -23.83
N PHE A 135 10.37 14.91 -23.29
CA PHE A 135 11.20 13.83 -22.79
C PHE A 135 12.00 14.28 -21.58
N ASN A 136 11.42 15.23 -20.82
CA ASN A 136 11.91 15.49 -19.49
C ASN A 136 11.10 14.86 -18.37
N ILE A 137 11.81 14.53 -17.29
CA ILE A 137 11.17 13.89 -16.16
C ILE A 137 10.20 14.88 -15.50
N VAL A 138 8.99 14.39 -15.15
CA VAL A 138 8.01 15.13 -14.35
C VAL A 138 8.13 14.58 -12.98
N ASN A 139 7.88 13.29 -12.80
CA ASN A 139 8.16 12.60 -11.55
C ASN A 139 8.74 11.21 -11.78
N ALA A 140 9.95 11.04 -11.25
CA ALA A 140 10.71 9.77 -11.39
C ALA A 140 10.07 8.78 -10.49
N TYR A 141 9.35 9.31 -9.51
CA TYR A 141 8.62 8.49 -8.55
C TYR A 141 7.17 8.91 -8.56
N ALA A 142 6.45 8.51 -9.60
CA ALA A 142 5.10 8.99 -9.85
C ALA A 142 4.12 8.25 -8.94
N PRO A 143 2.94 8.79 -8.74
CA PRO A 143 1.89 8.08 -8.01
C PRO A 143 1.41 6.77 -8.69
N ARG A 144 0.80 5.85 -7.92
CA ARG A 144 0.29 4.63 -8.44
C ARG A 144 -0.95 4.88 -9.37
N PRO A 145 -1.19 3.98 -10.32
CA PRO A 145 -2.29 4.19 -11.25
C PRO A 145 -3.65 4.20 -10.58
N SER A 146 -3.80 3.46 -9.48
CA SER A 146 -5.07 3.39 -8.74
C SER A 146 -5.35 4.65 -7.94
N SER A 147 -4.43 5.61 -7.93
CA SER A 147 -4.59 6.71 -7.03
C SER A 147 -5.51 7.72 -7.63
N GLU A 148 -6.10 8.50 -6.75
CA GLU A 148 -6.91 9.61 -7.18
C GLU A 148 -6.09 10.70 -7.84
N GLU A 149 -4.86 10.93 -7.43
CA GLU A 149 -4.15 12.08 -7.97
C GLU A 149 -3.51 11.87 -9.35
N ILE A 150 -3.26 10.61 -9.74
CA ILE A 150 -2.54 10.36 -10.99
C ILE A 150 -3.27 11.02 -12.14
N GLY A 151 -4.59 10.91 -12.13
CA GLY A 151 -5.41 11.57 -13.14
C GLY A 151 -5.32 13.10 -13.14
N THR A 152 -5.23 13.71 -11.96
CA THR A 152 -5.04 15.18 -11.85
C THR A 152 -3.65 15.51 -12.41
N LEU A 153 -2.66 14.70 -12.02
CA LEU A 153 -1.26 14.90 -12.43
C LEU A 153 -1.14 14.81 -13.96
N ILE A 154 -1.69 13.76 -14.56
CA ILE A 154 -1.64 13.56 -16.01
C ILE A 154 -2.30 14.68 -16.78
N ASP A 155 -3.52 14.98 -16.39
CA ASP A 155 -4.19 16.16 -16.90
C ASP A 155 -3.30 17.38 -16.75
N SER A 156 -2.75 17.61 -15.55
CA SER A 156 -1.90 18.81 -15.38
C SER A 156 -0.77 18.80 -16.42
N VAL A 157 -0.20 17.62 -16.70
CA VAL A 157 0.88 17.56 -17.69
C VAL A 157 0.37 17.68 -19.08
N LEU A 158 -0.81 17.13 -19.36
CA LEU A 158 -1.35 17.24 -20.73
C LEU A 158 -1.71 18.70 -21.14
N ASN A 159 -2.23 19.50 -20.22
CA ASN A 159 -2.49 20.95 -20.47
C ASN A 159 -1.24 21.79 -20.77
N LYS A 160 -0.36 22.00 -19.79
CA LYS A 160 1.01 22.43 -20.11
C LYS A 160 1.43 21.80 -21.43
N SER B 19 -9.26 -25.25 -0.20
CA SER B 19 -9.58 -25.05 1.28
C SER B 19 -8.58 -25.71 2.26
N LYS B 20 -7.40 -26.10 1.77
CA LYS B 20 -6.37 -26.64 2.63
C LYS B 20 -5.75 -25.49 3.47
N LEU B 21 -5.75 -24.28 2.93
CA LEU B 21 -5.07 -23.16 3.55
C LEU B 21 -5.96 -22.31 4.48
N LEU B 22 -7.15 -22.78 4.86
CA LEU B 22 -8.04 -21.98 5.71
C LEU B 22 -7.68 -22.10 7.14
N PRO B 23 -8.11 -21.14 7.99
CA PRO B 23 -7.72 -21.18 9.40
C PRO B 23 -8.03 -22.55 9.85
N GLY B 24 -7.25 -23.13 10.77
CA GLY B 24 -7.58 -24.44 11.36
C GLY B 24 -6.92 -25.57 10.64
N GLN B 25 -6.69 -25.42 9.34
CA GLN B 25 -5.96 -26.41 8.58
C GLN B 25 -4.43 -26.44 8.96
N PRO B 26 -3.80 -27.62 8.96
CA PRO B 26 -2.39 -27.71 9.38
C PRO B 26 -1.44 -26.97 8.44
N ALA B 27 -0.36 -26.42 8.95
CA ALA B 27 0.57 -25.76 8.06
C ALA B 27 1.31 -26.79 7.24
N ILE B 28 2.03 -26.32 6.26
CA ILE B 28 2.66 -27.14 5.29
C ILE B 28 4.16 -26.80 5.37
N ASP B 29 4.97 -27.81 5.59
CA ASP B 29 6.38 -27.61 5.82
C ASP B 29 7.06 -27.13 4.58
N PHE B 30 8.11 -26.34 4.76
CA PHE B 30 9.03 -26.09 3.63
C PHE B 30 10.42 -25.95 4.18
N GLU B 31 11.42 -25.92 3.31
CA GLU B 31 12.80 -25.70 3.72
C GLU B 31 13.30 -24.33 3.44
N MET B 32 14.30 -23.96 4.20
CA MET B 32 14.85 -22.66 4.09
C MET B 32 16.28 -22.83 4.53
N LEU B 33 17.14 -22.05 3.89
CA LEU B 33 18.56 -21.91 4.19
C LEU B 33 18.84 -20.61 4.96
N ASP B 34 19.78 -20.65 5.92
CA ASP B 34 20.25 -19.41 6.56
C ASP B 34 21.48 -18.91 5.80
N VAL B 35 22.02 -17.80 6.22
CA VAL B 35 23.12 -17.22 5.46
C VAL B 35 24.39 -18.08 5.45
N GLU B 36 24.54 -18.92 6.48
CA GLU B 36 25.72 -19.82 6.63
C GLU B 36 25.55 -21.09 5.80
N GLY B 37 24.34 -21.62 5.74
CA GLY B 37 24.09 -22.80 4.95
C GLY B 37 23.25 -23.83 5.63
N ASN B 38 22.96 -23.62 6.90
CA ASN B 38 22.15 -24.58 7.61
C ASN B 38 20.81 -24.62 7.03
N VAL B 39 20.24 -25.80 7.11
CA VAL B 39 18.96 -26.07 6.58
C VAL B 39 18.07 -26.24 7.75
N LYS B 40 16.95 -25.51 7.73
CA LYS B 40 15.90 -25.57 8.72
C LYS B 40 14.64 -25.78 7.91
N HIS B 41 13.62 -26.27 8.59
CA HIS B 41 12.37 -26.59 7.96
C HIS B 41 11.36 -26.00 8.86
N LEU B 42 10.23 -25.53 8.30
CA LEU B 42 9.15 -24.87 9.09
C LEU B 42 8.73 -25.66 10.32
N ALA B 43 8.73 -26.98 10.25
CA ALA B 43 8.20 -27.78 11.39
C ALA B 43 9.19 -27.81 12.60
N ASP B 44 10.41 -27.32 12.40
CA ASP B 44 11.35 -27.15 13.52
C ASP B 44 10.76 -26.23 14.60
N PHE B 45 9.85 -25.33 14.22
CA PHE B 45 9.32 -24.32 15.13
C PHE B 45 7.97 -24.74 15.66
N LYS B 46 7.55 -25.92 15.26
CA LYS B 46 6.33 -26.56 15.81
C LYS B 46 6.25 -26.28 17.30
N GLY B 47 5.16 -25.72 17.81
CA GLY B 47 4.97 -25.47 19.27
C GLY B 47 5.07 -23.98 19.67
N LYS B 48 5.72 -23.16 18.82
CA LYS B 48 5.69 -21.71 18.95
C LYS B 48 4.66 -21.03 17.99
N VAL B 49 4.18 -19.83 18.30
CA VAL B 49 3.47 -19.02 17.31
C VAL B 49 4.53 -18.68 16.25
N ILE B 50 4.16 -18.76 14.97
CA ILE B 50 5.10 -18.49 13.88
C ILE B 50 4.47 -17.41 12.96
N TYR B 51 5.18 -16.29 12.81
CA TYR B 51 4.81 -15.26 11.87
C TYR B 51 5.89 -15.23 10.83
N ILE B 52 5.50 -15.53 9.60
CA ILE B 52 6.38 -15.62 8.49
C ILE B 52 6.20 -14.42 7.60
N ASP B 53 7.32 -13.84 7.21
CA ASP B 53 7.38 -12.78 6.25
C ASP B 53 8.04 -13.28 4.97
N LEU B 54 7.31 -13.43 3.86
CA LEU B 54 7.98 -13.64 2.55
C LEU B 54 8.21 -12.43 1.72
N TRP B 55 9.45 -12.24 1.32
CA TRP B 55 9.88 -11.06 0.67
C TRP B 55 10.90 -11.36 -0.43
N ALA B 56 11.39 -10.33 -1.10
CA ALA B 56 12.48 -10.46 -2.02
C ALA B 56 13.09 -9.11 -2.23
N THR B 57 14.35 -9.13 -2.69
CA THR B 57 15.16 -7.92 -2.65
C THR B 57 14.72 -6.81 -3.55
N TRP B 58 14.01 -7.15 -4.62
CA TRP B 58 13.62 -6.17 -5.66
C TRP B 58 12.16 -5.65 -5.40
N CYS B 59 11.51 -6.16 -4.36
CA CYS B 59 10.11 -5.84 -3.96
C CYS B 59 10.03 -4.70 -2.92
N GLY B 60 9.63 -3.52 -3.33
CA GLY B 60 9.61 -2.36 -2.46
C GLY B 60 8.72 -2.56 -1.25
N PRO B 61 7.46 -2.95 -1.48
CA PRO B 61 6.50 -3.10 -0.38
C PRO B 61 6.91 -4.14 0.64
N CYS B 62 7.71 -5.13 0.20
CA CYS B 62 8.22 -6.19 1.11
C CYS B 62 9.20 -5.55 2.10
N ILE B 63 10.12 -4.79 1.53
CA ILE B 63 11.19 -4.17 2.31
C ILE B 63 10.68 -3.05 3.20
N GLN B 64 9.67 -2.36 2.73
CA GLN B 64 9.00 -1.41 3.59
C GLN B 64 8.48 -1.93 4.89
N GLU B 65 8.21 -3.24 4.95
CA GLU B 65 7.73 -3.93 6.13
C GLU B 65 8.84 -4.46 7.08
N SER B 66 10.04 -4.56 6.56
CA SER B 66 11.16 -5.04 7.38
C SER B 66 11.36 -4.31 8.72
N PRO B 67 11.38 -2.96 8.72
CA PRO B 67 11.61 -2.30 10.03
C PRO B 67 10.55 -2.76 11.09
N ALA B 68 9.31 -2.91 10.68
CA ALA B 68 8.25 -3.28 11.61
C ALA B 68 8.37 -4.76 12.00
N PHE B 69 8.87 -5.59 11.09
CA PHE B 69 8.96 -7.03 11.39
C PHE B 69 10.10 -7.16 12.45
N GLU B 70 11.21 -6.45 12.21
CA GLU B 70 12.35 -6.42 13.15
C GLU B 70 11.89 -5.88 14.51
N ALA B 71 11.19 -4.75 14.52
CA ALA B 71 10.70 -4.21 15.86
C ALA B 71 9.82 -5.21 16.57
N LEU B 72 9.04 -5.96 15.81
CA LEU B 72 8.20 -6.99 16.48
C LEU B 72 9.09 -8.05 17.13
N GLY B 73 10.11 -8.46 16.37
CA GLY B 73 11.08 -9.41 16.85
C GLY B 73 11.68 -8.98 18.18
N LYS B 74 12.11 -7.73 18.25
CA LYS B 74 12.67 -7.14 19.48
C LYS B 74 11.64 -7.13 20.60
N LYS B 75 10.45 -6.59 20.33
CA LYS B 75 9.39 -6.52 21.33
C LYS B 75 8.93 -7.87 21.95
N TYR B 76 8.95 -8.97 21.19
CA TYR B 76 8.42 -10.26 21.67
C TYR B 76 9.55 -11.18 21.96
N VAL B 77 10.75 -10.65 22.07
CA VAL B 77 11.89 -11.48 22.39
C VAL B 77 11.59 -12.44 23.51
N GLY B 78 10.88 -11.94 24.52
CA GLY B 78 10.56 -12.74 25.69
C GLY B 78 9.33 -13.63 25.59
N LYS B 79 8.87 -13.99 24.40
CA LYS B 79 7.59 -14.71 24.25
C LYS B 79 7.71 -15.88 23.31
N ASP B 80 6.69 -16.73 23.31
CA ASP B 80 6.73 -17.97 22.52
C ASP B 80 6.29 -17.84 21.04
N ILE B 81 6.94 -16.94 20.33
CA ILE B 81 6.76 -16.67 18.92
C ILE B 81 8.10 -16.49 18.24
N VAL B 82 8.14 -16.98 17.02
CA VAL B 82 9.24 -17.01 16.15
C VAL B 82 8.84 -16.23 14.89
N PHE B 83 9.70 -15.30 14.52
CA PHE B 83 9.59 -14.48 13.33
C PHE B 83 10.51 -14.99 12.28
N LEU B 84 9.93 -15.48 11.17
CA LEU B 84 10.73 -15.98 10.10
C LEU B 84 10.70 -15.08 8.93
N PRO B 85 11.78 -14.38 8.67
CA PRO B 85 11.90 -13.67 7.41
C PRO B 85 12.54 -14.57 6.30
N VAL B 86 11.79 -14.81 5.20
CA VAL B 86 12.25 -15.75 4.16
C VAL B 86 12.28 -15.06 2.81
N SER B 87 13.48 -14.82 2.31
CA SER B 87 13.69 -14.23 0.99
C SER B 87 13.38 -15.23 -0.06
N THR B 88 12.62 -14.83 -1.07
CA THR B 88 12.31 -15.73 -2.18
C THR B 88 13.08 -15.30 -3.43
N ASP B 89 14.20 -14.60 -3.27
CA ASP B 89 14.97 -14.22 -4.41
C ASP B 89 15.31 -15.51 -5.21
N THR B 90 15.29 -15.36 -6.52
CA THR B 90 15.58 -16.49 -7.43
C THR B 90 16.91 -17.17 -7.10
N THR B 91 17.98 -16.37 -7.08
CA THR B 91 19.28 -16.80 -6.57
C THR B 91 19.65 -16.17 -5.22
N THR B 92 20.56 -16.85 -4.52
CA THR B 92 21.07 -16.48 -3.24
C THR B 92 21.90 -15.15 -3.25
N LYS B 93 22.53 -14.82 -4.34
CA LYS B 93 23.54 -13.77 -4.29
C LYS B 93 23.01 -12.31 -4.11
N PRO B 94 21.95 -11.91 -4.87
CA PRO B 94 21.36 -10.60 -4.54
C PRO B 94 20.87 -10.54 -3.10
N TRP B 95 20.33 -11.66 -2.59
CA TRP B 95 19.98 -11.74 -1.15
C TRP B 95 21.15 -11.48 -0.22
N LEU B 96 22.29 -12.17 -0.44
CA LEU B 96 23.40 -11.99 0.46
C LEU B 96 23.96 -10.60 0.24
N ARG B 97 24.00 -10.18 -1.02
CA ARG B 97 24.53 -8.86 -1.37
C ARG B 97 23.68 -7.82 -0.66
N TYR B 98 22.37 -8.08 -0.59
CA TYR B 98 21.44 -7.15 0.04
C TYR B 98 21.63 -7.07 1.56
N LEU B 99 21.76 -8.22 2.19
CA LEU B 99 22.05 -8.28 3.62
C LEU B 99 23.36 -7.55 4.02
N ASP B 100 24.40 -7.63 3.20
CA ASP B 100 25.67 -6.99 3.52
C ASP B 100 25.48 -5.50 3.69
N GLY B 101 24.69 -4.91 2.79
CA GLY B 101 24.32 -3.51 2.87
C GLY B 101 23.21 -3.18 3.86
N HIS B 102 22.30 -4.11 4.13
CA HIS B 102 21.18 -3.78 5.05
C HIS B 102 21.14 -4.77 6.17
N LYS B 103 21.75 -4.39 7.30
CA LYS B 103 21.97 -5.30 8.45
C LYS B 103 20.67 -5.54 9.20
N LYS B 104 20.50 -6.75 9.72
CA LYS B 104 19.23 -7.18 10.31
C LYS B 104 19.48 -7.87 11.63
N GLU B 105 18.53 -7.83 12.56
CA GLU B 105 18.73 -8.53 13.84
C GLU B 105 18.09 -9.91 13.90
N LEU B 106 17.05 -10.15 13.12
CA LEU B 106 16.46 -11.49 13.19
C LEU B 106 17.32 -12.39 12.35
N THR B 107 17.33 -13.68 12.68
CA THR B 107 17.93 -14.65 11.81
C THR B 107 17.22 -14.61 10.43
N GLN B 108 17.99 -14.46 9.38
CA GLN B 108 17.50 -14.41 8.03
C GLN B 108 17.51 -15.78 7.32
N TYR B 109 16.43 -16.04 6.59
CA TYR B 109 16.35 -17.24 5.76
C TYR B 109 16.13 -16.92 4.31
N HIS B 110 16.43 -17.91 3.47
CA HIS B 110 16.22 -17.82 2.03
C HIS B 110 15.60 -19.07 1.59
N SER B 111 14.67 -18.96 0.66
CA SER B 111 14.01 -20.15 0.13
C SER B 111 13.46 -20.00 -1.31
N ASN B 112 13.88 -20.90 -2.21
CA ASN B 112 13.19 -21.12 -3.49
C ASN B 112 12.59 -22.54 -3.50
N ASP B 113 12.18 -23.02 -2.36
CA ASP B 113 11.53 -24.34 -2.29
C ASP B 113 10.27 -24.36 -3.13
N VAL B 114 10.21 -25.35 -4.02
CA VAL B 114 8.99 -25.63 -4.80
C VAL B 114 7.75 -25.81 -3.90
N ALA B 115 7.84 -26.29 -2.65
CA ALA B 115 6.63 -26.37 -1.79
C ALA B 115 5.95 -25.03 -1.51
N LEU B 116 6.72 -23.94 -1.57
CA LEU B 116 6.11 -22.62 -1.42
C LEU B 116 5.13 -22.34 -2.57
N LYS B 117 5.62 -22.44 -3.80
CA LYS B 117 4.75 -22.30 -4.98
C LYS B 117 3.67 -23.41 -5.09
N GLU B 118 4.02 -24.67 -4.87
CA GLU B 118 3.06 -25.74 -5.20
C GLU B 118 2.23 -26.28 -4.03
N SER B 119 2.65 -26.12 -2.78
CA SER B 119 1.82 -26.61 -1.69
C SER B 119 1.18 -25.47 -0.95
N TRP B 120 1.93 -24.39 -0.76
CA TRP B 120 1.37 -23.14 -0.24
C TRP B 120 0.67 -22.26 -1.29
N ALA B 121 0.84 -22.60 -2.56
CA ALA B 121 0.20 -21.82 -3.62
C ALA B 121 0.58 -20.32 -3.54
N ILE B 122 1.83 -20.03 -3.18
CA ILE B 122 2.25 -18.65 -3.10
C ILE B 122 2.68 -18.19 -4.49
N MET B 123 1.86 -17.32 -5.10
CA MET B 123 2.16 -16.77 -6.45
C MET B 123 2.74 -15.39 -6.32
N TYR B 124 2.35 -14.68 -5.26
CA TYR B 124 2.77 -13.32 -5.12
C TYR B 124 3.34 -13.00 -3.73
N ILE B 125 4.20 -12.00 -3.69
CA ILE B 125 4.66 -11.42 -2.44
C ILE B 125 4.40 -9.90 -2.52
N PRO B 126 4.27 -9.22 -1.35
CA PRO B 126 4.55 -9.70 0.00
C PRO B 126 3.55 -10.72 0.41
N ARG B 127 3.92 -11.58 1.33
CA ARG B 127 2.97 -12.47 1.92
C ARG B 127 3.29 -12.66 3.39
N PHE B 128 2.27 -12.66 4.24
CA PHE B 128 2.48 -12.90 5.65
C PHE B 128 1.56 -13.99 6.10
N ILE B 129 2.09 -14.87 6.95
CA ILE B 129 1.36 -16.03 7.46
C ILE B 129 1.52 -16.14 8.96
N LEU B 130 0.44 -16.40 9.64
CA LEU B 130 0.47 -16.60 11.08
C LEU B 130 -0.02 -18.00 11.34
N ILE B 131 0.82 -18.79 12.03
CA ILE B 131 0.58 -20.19 12.43
C ILE B 131 0.55 -20.18 13.96
N ASP B 132 -0.30 -21.01 14.55
CA ASP B 132 -0.39 -21.03 16.02
C ASP B 132 0.49 -22.19 16.53
N LYS B 133 0.49 -22.39 17.84
CA LYS B 133 1.37 -23.41 18.48
C LYS B 133 1.11 -24.82 18.06
N ASP B 134 -0.10 -25.15 17.62
CA ASP B 134 -0.37 -26.53 17.26
C ASP B 134 0.11 -26.78 15.85
N PHE B 135 0.73 -25.79 15.24
CA PHE B 135 1.08 -25.91 13.86
C PHE B 135 -0.14 -25.93 12.93
N ASN B 136 -1.19 -25.28 13.37
CA ASN B 136 -2.27 -24.86 12.48
C ASN B 136 -2.27 -23.40 12.00
N ILE B 137 -2.61 -23.23 10.70
CA ILE B 137 -2.82 -21.92 10.12
C ILE B 137 -3.85 -21.14 10.97
N VAL B 138 -3.51 -19.91 11.44
CA VAL B 138 -4.47 -18.94 12.05
C VAL B 138 -4.88 -17.95 10.92
N ASN B 139 -3.92 -17.38 10.20
CA ASN B 139 -4.27 -16.72 8.94
C ASN B 139 -3.25 -16.98 7.87
N ALA B 140 -3.73 -17.51 6.76
CA ALA B 140 -2.87 -17.76 5.63
C ALA B 140 -2.52 -16.46 4.98
N TYR B 141 -3.41 -15.50 5.17
CA TYR B 141 -3.26 -14.17 4.61
C TYR B 141 -3.31 -13.22 5.83
N ALA B 142 -2.19 -13.18 6.54
CA ALA B 142 -2.09 -12.39 7.78
C ALA B 142 -1.83 -10.92 7.48
N PRO B 143 -2.17 -10.07 8.42
CA PRO B 143 -1.86 -8.65 8.21
C PRO B 143 -0.35 -8.32 8.21
N ARG B 144 0.00 -7.21 7.61
CA ARG B 144 1.38 -6.76 7.53
C ARG B 144 1.99 -6.33 8.88
N PRO B 145 3.29 -6.41 8.99
CA PRO B 145 3.85 -6.25 10.29
C PRO B 145 3.77 -4.79 10.73
N SER B 146 3.66 -3.87 9.79
CA SER B 146 3.49 -2.47 10.12
C SER B 146 2.06 -2.07 10.55
N SER B 147 1.11 -3.00 10.46
CA SER B 147 -0.28 -2.68 10.72
C SER B 147 -0.48 -2.55 12.21
N GLU B 148 -1.45 -1.73 12.58
CA GLU B 148 -1.75 -1.43 13.95
C GLU B 148 -2.28 -2.64 14.69
N GLU B 149 -2.92 -3.57 14.02
CA GLU B 149 -3.60 -4.68 14.71
C GLU B 149 -2.77 -5.94 14.94
N ILE B 150 -1.64 -6.06 14.23
CA ILE B 150 -0.82 -7.29 14.30
C ILE B 150 -0.41 -7.60 15.74
N GLY B 151 -0.15 -6.55 16.53
CA GLY B 151 0.21 -6.68 17.95
C GLY B 151 -0.83 -7.46 18.76
N THR B 152 -2.06 -7.03 18.63
CA THR B 152 -3.19 -7.70 19.27
C THR B 152 -3.51 -9.04 18.65
N LEU B 153 -3.51 -9.12 17.33
CA LEU B 153 -3.63 -10.45 16.74
C LEU B 153 -2.60 -11.38 17.39
N ILE B 154 -1.33 -10.98 17.38
CA ILE B 154 -0.24 -11.80 17.95
C ILE B 154 -0.46 -12.14 19.41
N ASP B 155 -0.79 -11.14 20.21
CA ASP B 155 -1.11 -11.34 21.63
C ASP B 155 -2.26 -12.34 21.78
N SER B 156 -3.34 -12.10 21.04
CA SER B 156 -4.45 -13.06 21.07
C SER B 156 -3.98 -14.46 20.85
N VAL B 157 -3.08 -14.66 19.88
CA VAL B 157 -2.68 -16.04 19.57
C VAL B 157 -1.82 -16.74 20.64
N LEU B 158 -1.15 -15.96 21.51
CA LEU B 158 -0.32 -16.50 22.62
C LEU B 158 -1.19 -16.80 23.84
N ALA C 18 -4.12 21.15 -10.55
CA ALA C 18 -3.89 22.33 -11.45
C ALA C 18 -2.44 22.30 -11.90
N SER C 19 -2.14 23.02 -12.98
CA SER C 19 -0.75 23.18 -13.40
C SER C 19 0.10 23.94 -12.35
N LYS C 20 -0.58 24.40 -11.30
CA LYS C 20 0.03 25.16 -10.23
C LYS C 20 0.86 24.25 -9.28
N LEU C 21 0.57 22.95 -9.30
CA LEU C 21 1.20 21.96 -8.44
C LEU C 21 2.31 21.14 -9.10
N LEU C 22 2.71 21.50 -10.32
CA LEU C 22 3.74 20.77 -11.03
C LEU C 22 5.10 21.08 -10.42
N PRO C 23 6.05 20.14 -10.51
CA PRO C 23 7.39 20.37 -10.05
C PRO C 23 7.93 21.66 -10.60
N GLY C 24 8.58 22.44 -9.77
CA GLY C 24 9.24 23.63 -10.20
C GLY C 24 8.37 24.82 -9.99
N GLN C 25 7.10 24.61 -9.69
CA GLN C 25 6.19 25.71 -9.32
C GLN C 25 6.29 26.05 -7.87
N PRO C 26 5.99 27.31 -7.54
CA PRO C 26 6.18 27.71 -6.13
C PRO C 26 5.21 26.99 -5.16
N ALA C 27 5.69 26.55 -4.00
CA ALA C 27 4.85 25.94 -2.96
C ALA C 27 3.81 26.93 -2.50
N ILE C 28 2.74 26.43 -1.92
CA ILE C 28 1.70 27.29 -1.48
C ILE C 28 1.70 27.32 0.04
N ASP C 29 1.85 28.51 0.60
CA ASP C 29 1.89 28.67 2.06
C ASP C 29 0.60 28.24 2.70
N PHE C 30 0.69 27.76 3.92
CA PHE C 30 -0.50 27.54 4.72
C PHE C 30 -0.17 27.63 6.22
N GLU C 31 -1.20 27.66 7.06
CA GLU C 31 -1.06 27.85 8.50
C GLU C 31 -1.25 26.54 9.19
N MET C 32 -0.56 26.37 10.31
CA MET C 32 -0.77 25.16 11.09
C MET C 32 -0.55 25.58 12.51
N LEU C 33 -1.09 24.79 13.44
CA LEU C 33 -0.81 24.97 14.85
C LEU C 33 0.00 23.84 15.45
N ASP C 34 0.91 24.18 16.36
CA ASP C 34 1.54 23.20 17.20
C ASP C 34 0.66 22.80 18.40
N VAL C 35 1.17 21.90 19.21
CA VAL C 35 0.34 21.37 20.28
C VAL C 35 -0.08 22.45 21.29
N GLU C 36 0.73 23.49 21.47
CA GLU C 36 0.42 24.58 22.39
C GLU C 36 -0.41 25.72 21.79
N GLY C 37 -0.84 25.58 20.54
CA GLY C 37 -1.62 26.63 19.88
C GLY C 37 -0.83 27.74 19.19
N ASN C 38 0.49 27.68 19.17
CA ASN C 38 1.28 28.72 18.46
C ASN C 38 1.21 28.50 16.96
N VAL C 39 1.18 29.59 16.21
CA VAL C 39 0.94 29.53 14.79
C VAL C 39 2.23 29.40 14.08
N LYS C 40 2.27 28.60 13.02
CA LYS C 40 3.38 28.67 12.10
C LYS C 40 2.88 28.67 10.70
N HIS C 41 3.73 29.00 9.74
CA HIS C 41 3.37 28.90 8.36
C HIS C 41 4.43 28.11 7.66
N LEU C 42 3.99 27.40 6.63
CA LEU C 42 4.87 26.60 5.78
C LEU C 42 6.06 27.41 5.36
N ALA C 43 5.81 28.67 5.04
CA ALA C 43 6.84 29.56 4.50
C ALA C 43 7.89 29.94 5.53
N ASP C 44 7.62 29.70 6.82
CA ASP C 44 8.67 29.93 7.83
C ASP C 44 9.87 29.03 7.60
N PHE C 45 9.68 27.96 6.83
CA PHE C 45 10.72 27.01 6.72
C PHE C 45 11.43 27.18 5.40
N LYS C 46 11.07 28.20 4.64
CA LYS C 46 11.75 28.46 3.34
C LYS C 46 13.26 28.51 3.51
N GLY C 47 14.01 27.96 2.57
CA GLY C 47 15.44 27.80 2.74
C GLY C 47 15.85 26.38 3.11
N LYS C 48 14.93 25.62 3.72
CA LYS C 48 15.17 24.18 3.96
C LYS C 48 14.41 23.32 2.96
N VAL C 49 14.86 22.10 2.74
CA VAL C 49 14.04 21.08 2.09
C VAL C 49 12.93 20.76 3.05
N ILE C 50 11.73 20.56 2.51
CA ILE C 50 10.56 20.32 3.38
C ILE C 50 9.82 19.07 2.87
N TYR C 51 9.59 18.15 3.78
CA TYR C 51 8.86 16.95 3.51
C TYR C 51 7.66 16.98 4.45
N ILE C 52 6.46 17.04 3.91
CA ILE C 52 5.25 17.13 4.71
C ILE C 52 4.48 15.83 4.71
N ASP C 53 4.03 15.41 5.86
CA ASP C 53 3.10 14.24 6.06
C ASP C 53 1.72 14.68 6.58
N LEU C 54 0.73 14.71 5.69
CA LEU C 54 -0.66 14.99 6.05
C LEU C 54 -1.35 13.70 6.41
N TRP C 55 -1.86 13.60 7.64
CA TRP C 55 -2.36 12.37 8.19
C TRP C 55 -3.53 12.64 9.11
N ALA C 56 -4.23 11.58 9.51
CA ALA C 56 -5.24 11.71 10.56
C ALA C 56 -5.24 10.49 11.45
N THR C 57 -5.78 10.68 12.63
CA THR C 57 -5.75 9.70 13.70
C THR C 57 -6.50 8.39 13.37
N TRP C 58 -7.48 8.42 12.50
CA TRP C 58 -8.22 7.20 12.20
C TRP C 58 -7.93 6.65 10.81
N CYS C 59 -6.98 7.30 10.16
CA CYS C 59 -6.38 6.80 8.93
C CYS C 59 -5.26 5.72 9.19
N GLY C 60 -5.60 4.45 9.02
CA GLY C 60 -4.68 3.33 9.21
C GLY C 60 -3.35 3.49 8.55
N PRO C 61 -3.32 3.70 7.19
CA PRO C 61 -2.11 3.82 6.42
C PRO C 61 -1.28 5.06 6.78
N CYS C 62 -1.93 6.13 7.25
CA CYS C 62 -1.22 7.32 7.73
C CYS C 62 -0.41 6.94 8.95
N ILE C 63 -1.07 6.46 9.98
CA ILE C 63 -0.40 6.05 11.19
C ILE C 63 0.66 4.94 11.02
N GLN C 64 0.45 4.04 10.07
CA GLN C 64 1.48 3.07 9.75
C GLN C 64 2.78 3.64 9.23
N GLU C 65 2.73 4.84 8.64
CA GLU C 65 3.91 5.55 8.14
C GLU C 65 4.61 6.36 9.26
N SER C 66 3.94 6.54 10.39
CA SER C 66 4.48 7.38 11.45
C SER C 66 5.90 6.96 11.91
N PRO C 67 6.11 5.67 12.24
CA PRO C 67 7.47 5.25 12.55
C PRO C 67 8.53 5.59 11.53
N ALA C 68 8.22 5.45 10.24
CA ALA C 68 9.22 5.75 9.26
C ALA C 68 9.47 7.24 9.21
N PHE C 69 8.42 8.01 9.38
CA PHE C 69 8.53 9.44 9.20
C PHE C 69 9.41 9.93 10.35
N GLU C 70 9.16 9.42 11.55
CA GLU C 70 10.00 9.70 12.73
C GLU C 70 11.45 9.27 12.52
N ALA C 71 11.67 8.08 11.93
CA ALA C 71 13.03 7.56 11.60
C ALA C 71 13.80 8.44 10.61
N LEU C 72 13.09 8.95 9.60
CA LEU C 72 13.72 9.92 8.71
C LEU C 72 14.14 11.14 9.47
N GLY C 73 13.26 11.65 10.35
CA GLY C 73 13.58 12.89 11.07
C GLY C 73 14.86 12.75 11.88
N LYS C 74 15.02 11.58 12.44
CA LYS C 74 16.18 11.21 13.22
C LYS C 74 17.39 10.99 12.34
N LYS C 75 17.21 10.27 11.25
CA LYS C 75 18.29 10.01 10.34
C LYS C 75 18.86 11.30 9.74
N TYR C 76 18.04 12.33 9.59
CA TYR C 76 18.48 13.51 8.85
C TYR C 76 18.67 14.65 9.79
N VAL C 77 18.79 14.38 11.07
CA VAL C 77 19.05 15.48 11.98
C VAL C 77 20.40 16.14 11.60
N GLY C 78 20.41 17.47 11.63
CA GLY C 78 21.59 18.18 11.26
C GLY C 78 21.69 18.51 9.80
N LYS C 79 20.94 17.80 8.94
CA LYS C 79 20.94 18.10 7.49
C LYS C 79 19.91 19.15 7.24
N ASP C 80 19.94 19.79 6.08
CA ASP C 80 19.10 21.01 5.87
C ASP C 80 17.64 20.64 5.36
N ILE C 81 16.90 19.92 6.20
CA ILE C 81 15.58 19.46 5.85
C ILE C 81 14.77 19.45 7.13
N VAL C 82 13.52 19.81 6.96
CA VAL C 82 12.54 19.71 8.01
C VAL C 82 11.44 18.76 7.59
N PHE C 83 10.98 18.03 8.56
CA PHE C 83 9.90 17.08 8.48
C PHE C 83 8.73 17.59 9.26
N LEU C 84 7.65 17.91 8.55
CA LEU C 84 6.40 18.43 9.09
C LEU C 84 5.24 17.42 9.10
N PRO C 85 4.97 16.82 10.26
CA PRO C 85 3.79 16.04 10.49
C PRO C 85 2.58 16.96 10.80
N VAL C 86 1.69 17.03 9.81
CA VAL C 86 0.49 17.86 9.87
C VAL C 86 -0.83 17.05 9.89
N SER C 87 -1.46 17.00 11.06
CA SER C 87 -2.76 16.33 11.22
C SER C 87 -3.79 17.22 10.59
N THR C 88 -4.68 16.61 9.81
CA THR C 88 -5.83 17.26 9.22
C THR C 88 -7.14 16.84 9.94
N ASP C 89 -7.05 16.38 11.19
CA ASP C 89 -8.22 15.88 11.87
C ASP C 89 -9.21 17.08 11.95
N THR C 90 -10.48 16.81 11.72
CA THR C 90 -11.54 17.83 11.87
C THR C 90 -11.41 18.73 13.11
N THR C 91 -11.32 18.16 14.30
CA THR C 91 -11.01 18.95 15.48
C THR C 91 -9.67 18.54 16.04
N THR C 92 -9.17 19.43 16.87
CA THR C 92 -7.96 19.28 17.63
C THR C 92 -7.90 18.11 18.65
N LYS C 93 -9.04 17.73 19.21
CA LYS C 93 -9.03 16.93 20.44
C LYS C 93 -8.44 15.54 20.25
N PRO C 94 -8.92 14.78 19.24
CA PRO C 94 -8.42 13.43 19.01
C PRO C 94 -6.94 13.42 18.66
N TRP C 95 -6.54 14.41 17.85
CA TRP C 95 -5.14 14.63 17.55
C TRP C 95 -4.33 14.67 18.86
N LEU C 96 -4.72 15.57 19.76
CA LEU C 96 -4.00 15.74 21.04
C LEU C 96 -4.04 14.50 21.95
N ARG C 97 -5.18 13.83 21.98
CA ARG C 97 -5.32 12.61 22.76
C ARG C 97 -4.42 11.55 22.14
N TYR C 98 -4.45 11.42 20.81
CA TYR C 98 -3.63 10.42 20.15
C TYR C 98 -2.14 10.64 20.48
N LEU C 99 -1.73 11.90 20.52
CA LEU C 99 -0.37 12.21 20.89
C LEU C 99 -0.04 11.86 22.33
N ASP C 100 -1.00 12.02 23.25
CA ASP C 100 -0.75 11.66 24.65
C ASP C 100 -0.38 10.20 24.81
N GLY C 101 -1.15 9.36 24.13
CA GLY C 101 -0.89 7.93 24.13
C GLY C 101 0.37 7.55 23.40
N HIS C 102 0.66 8.26 22.30
CA HIS C 102 1.75 7.92 21.40
C HIS C 102 2.74 9.07 21.34
N LYS C 103 3.82 8.97 22.09
CA LYS C 103 4.84 10.03 22.12
C LYS C 103 5.69 10.01 20.85
N LYS C 104 5.74 11.15 20.16
CA LYS C 104 6.48 11.30 18.92
C LYS C 104 7.63 12.23 19.18
N GLU C 105 8.75 12.05 18.50
CA GLU C 105 9.90 12.91 18.62
C GLU C 105 9.86 14.26 17.86
N LEU C 106 9.33 14.29 16.64
CA LEU C 106 9.28 15.49 15.84
C LEU C 106 8.21 16.41 16.38
N THR C 107 8.35 17.71 16.12
CA THR C 107 7.34 18.67 16.53
C THR C 107 6.11 18.49 15.68
N GLN C 108 4.97 18.37 16.34
CA GLN C 108 3.74 18.06 15.68
C GLN C 108 2.92 19.28 15.37
N TYR C 109 2.26 19.26 14.21
CA TYR C 109 1.38 20.32 13.81
C TYR C 109 0.06 19.77 13.40
N HIS C 110 -0.87 20.71 13.27
CA HIS C 110 -2.25 20.44 12.92
C HIS C 110 -2.73 21.61 12.04
N SER C 111 -3.62 21.34 11.09
CA SER C 111 -4.10 22.40 10.23
C SER C 111 -5.45 22.09 9.61
N ASN C 112 -6.29 23.11 9.58
CA ASN C 112 -7.52 23.09 8.82
C ASN C 112 -7.50 24.23 7.83
N ASP C 113 -6.34 24.81 7.60
CA ASP C 113 -6.27 25.89 6.63
C ASP C 113 -6.96 25.44 5.32
N VAL C 114 -7.82 26.33 4.83
CA VAL C 114 -8.66 26.13 3.67
C VAL C 114 -7.83 25.94 2.42
N ALA C 115 -6.63 26.54 2.40
CA ALA C 115 -5.64 26.35 1.33
C ALA C 115 -5.28 24.85 1.05
N LEU C 116 -5.32 24.00 2.08
CA LEU C 116 -4.91 22.62 1.90
C LEU C 116 -5.77 22.02 0.83
N LYS C 117 -7.06 22.24 0.96
CA LYS C 117 -8.03 21.69 0.05
C LYS C 117 -8.02 22.54 -1.19
N GLU C 118 -8.13 23.86 -1.00
CA GLU C 118 -8.39 24.74 -2.14
C GLU C 118 -7.18 25.19 -2.96
N SER C 119 -5.97 25.11 -2.42
CA SER C 119 -4.74 25.44 -3.17
C SER C 119 -3.96 24.19 -3.44
N TRP C 120 -3.86 23.33 -2.45
CA TRP C 120 -3.06 22.16 -2.70
C TRP C 120 -3.87 21.03 -3.35
N ALA C 121 -5.19 21.22 -3.49
CA ALA C 121 -6.09 20.16 -3.95
C ALA C 121 -5.94 18.89 -3.13
N ILE C 122 -5.77 19.02 -1.83
CA ILE C 122 -5.66 17.85 -1.02
C ILE C 122 -7.07 17.42 -0.69
N MET C 123 -7.55 16.41 -1.41
CA MET C 123 -8.88 15.85 -1.18
C MET C 123 -8.82 14.64 -0.25
N TYR C 124 -7.67 13.98 -0.24
CA TYR C 124 -7.52 12.68 0.38
C TYR C 124 -6.22 12.60 1.13
N ILE C 125 -6.29 11.90 2.26
CA ILE C 125 -5.11 11.48 2.99
C ILE C 125 -4.94 9.95 2.90
N PRO C 126 -3.67 9.50 2.96
CA PRO C 126 -2.44 10.21 3.27
C PRO C 126 -1.96 11.05 2.15
N ARG C 127 -1.20 12.07 2.48
CA ARG C 127 -0.61 12.88 1.39
C ARG C 127 0.76 13.31 1.85
N PHE C 128 1.77 13.16 0.99
CA PHE C 128 3.13 13.59 1.21
C PHE C 128 3.56 14.55 0.12
N ILE C 129 4.33 15.56 0.50
CA ILE C 129 4.76 16.64 -0.40
C ILE C 129 6.24 16.92 -0.12
N LEU C 130 7.00 17.08 -1.17
CA LEU C 130 8.42 17.40 -1.06
C LEU C 130 8.70 18.73 -1.76
N ILE C 131 9.28 19.66 -0.99
CA ILE C 131 9.57 21.02 -1.43
C ILE C 131 11.07 21.23 -1.33
N ASP C 132 11.66 21.86 -2.35
CA ASP C 132 13.11 22.18 -2.27
C ASP C 132 13.45 23.48 -1.49
N LYS C 133 14.77 23.77 -1.38
CA LYS C 133 15.29 24.88 -0.56
C LYS C 133 14.81 26.24 -1.05
N ASP C 134 14.58 26.35 -2.36
CA ASP C 134 13.98 27.54 -2.98
C ASP C 134 12.46 27.65 -2.79
N PHE C 135 11.80 26.69 -2.13
CA PHE C 135 10.37 26.81 -1.88
C PHE C 135 9.57 26.55 -3.16
N ASN C 136 10.16 25.75 -4.04
CA ASN C 136 9.46 25.17 -5.15
C ASN C 136 9.15 23.68 -4.92
N ILE C 137 8.06 23.25 -5.52
CA ILE C 137 7.63 21.90 -5.44
C ILE C 137 8.62 20.99 -6.13
N VAL C 138 9.02 19.90 -5.45
CA VAL C 138 9.76 18.79 -6.04
C VAL C 138 8.77 17.76 -6.53
N ASN C 139 7.92 17.29 -5.63
CA ASN C 139 6.85 16.33 -5.93
C ASN C 139 5.68 16.61 -4.98
N ALA C 140 4.60 17.15 -5.50
CA ALA C 140 3.39 17.34 -4.74
C ALA C 140 2.67 16.06 -4.37
N TYR C 141 3.03 14.93 -5.01
CA TYR C 141 2.52 13.64 -4.61
C TYR C 141 3.67 12.72 -4.30
N ALA C 142 4.41 13.01 -3.23
CA ALA C 142 5.68 12.37 -3.02
C ALA C 142 5.55 10.97 -2.54
N PRO C 143 6.61 10.18 -2.66
CA PRO C 143 6.56 8.84 -2.04
C PRO C 143 6.38 8.92 -0.55
N ARG C 144 5.94 7.78 0.00
CA ARG C 144 5.73 7.56 1.42
C ARG C 144 7.03 7.47 2.21
N PRO C 145 6.97 7.86 3.47
CA PRO C 145 8.13 7.78 4.38
C PRO C 145 8.75 6.42 4.45
N SER C 146 7.96 5.35 4.47
CA SER C 146 8.49 3.99 4.61
C SER C 146 9.17 3.47 3.35
N SER C 147 9.00 4.15 2.21
CA SER C 147 9.52 3.62 0.95
C SER C 147 11.03 3.77 0.89
N GLU C 148 11.67 2.89 0.15
CA GLU C 148 13.11 3.01 -0.17
C GLU C 148 13.33 4.23 -1.03
N GLU C 149 12.37 4.53 -1.90
CA GLU C 149 12.45 5.63 -2.86
C GLU C 149 12.57 7.06 -2.22
N ILE C 150 12.01 7.27 -1.02
CA ILE C 150 12.05 8.64 -0.40
C ILE C 150 13.45 9.08 0.01
N GLY C 151 14.22 8.20 0.63
CA GLY C 151 15.61 8.55 0.93
C GLY C 151 16.48 9.01 -0.22
N THR C 152 16.33 8.35 -1.37
CA THR C 152 17.19 8.65 -2.53
C THR C 152 16.69 9.98 -3.03
N LEU C 153 15.36 10.14 -3.02
CA LEU C 153 14.74 11.40 -3.46
C LEU C 153 15.31 12.55 -2.63
N ILE C 154 15.26 12.41 -1.30
CA ILE C 154 15.64 13.48 -0.39
C ILE C 154 17.11 13.88 -0.54
N ASP C 155 17.94 12.86 -0.61
CA ASP C 155 19.36 13.04 -0.91
C ASP C 155 19.55 13.74 -2.25
N SER C 156 18.87 13.28 -3.32
CA SER C 156 18.85 14.06 -4.59
C SER C 156 18.71 15.53 -4.35
N VAL C 157 17.75 15.90 -3.49
CA VAL C 157 17.36 17.30 -3.27
C VAL C 157 18.32 18.01 -2.36
N LEU C 158 18.91 17.31 -1.41
CA LEU C 158 19.85 17.99 -0.50
C LEU C 158 21.14 18.40 -1.23
N ALA D 18 -9.54 -8.40 21.35
CA ALA D 18 -9.69 -9.62 22.19
C ALA D 18 -9.51 -10.86 21.32
N SER D 19 -9.53 -12.00 21.99
CA SER D 19 -9.59 -13.34 21.40
C SER D 19 -10.91 -13.64 20.67
N LYS D 20 -11.84 -12.72 20.80
CA LYS D 20 -13.14 -12.83 20.18
C LYS D 20 -13.12 -12.49 18.70
N LEU D 21 -12.04 -11.89 18.20
CA LEU D 21 -11.91 -11.64 16.77
C LEU D 21 -11.06 -12.65 16.01
N LEU D 22 -10.62 -13.73 16.69
CA LEU D 22 -9.89 -14.82 16.02
C LEU D 22 -10.76 -15.57 15.06
N PRO D 23 -10.18 -16.12 13.99
CA PRO D 23 -10.87 -16.98 13.05
C PRO D 23 -11.64 -18.15 13.70
N GLY D 24 -12.89 -18.34 13.31
CA GLY D 24 -13.78 -19.31 13.99
C GLY D 24 -14.64 -18.73 15.07
N GLN D 25 -14.33 -17.55 15.56
CA GLN D 25 -15.21 -16.90 16.48
C GLN D 25 -16.42 -16.24 15.81
N PRO D 26 -17.49 -16.03 16.58
CA PRO D 26 -18.70 -15.51 15.94
C PRO D 26 -18.68 -14.02 15.59
N ALA D 27 -19.07 -13.69 14.37
CA ALA D 27 -19.27 -12.27 14.03
C ALA D 27 -20.16 -11.58 15.03
N ILE D 28 -19.97 -10.27 15.16
CA ILE D 28 -20.79 -9.43 16.01
C ILE D 28 -21.61 -8.50 15.13
N ASP D 29 -22.86 -8.32 15.54
CA ASP D 29 -23.85 -7.72 14.71
C ASP D 29 -23.64 -6.26 14.91
N PHE D 30 -24.05 -5.49 13.92
CA PHE D 30 -24.09 -4.04 14.11
C PHE D 30 -25.15 -3.51 13.17
N GLU D 31 -25.64 -2.32 13.46
CA GLU D 31 -26.59 -1.64 12.60
C GLU D 31 -25.95 -0.66 11.62
N MET D 32 -26.49 -0.67 10.41
CA MET D 32 -26.14 0.25 9.36
C MET D 32 -27.42 0.88 8.69
N LEU D 33 -27.20 1.92 7.93
CA LEU D 33 -28.26 2.64 7.20
C LEU D 33 -28.01 2.59 5.70
N ASP D 34 -29.04 2.28 4.92
CA ASP D 34 -28.96 2.40 3.45
C ASP D 34 -29.14 3.86 3.05
N VAL D 35 -28.98 4.15 1.76
CA VAL D 35 -29.04 5.54 1.28
C VAL D 35 -30.41 6.17 1.52
N GLU D 36 -31.43 5.38 1.80
CA GLU D 36 -32.76 5.95 2.03
C GLU D 36 -33.03 6.24 3.49
N GLY D 37 -32.07 6.00 4.38
CA GLY D 37 -32.30 6.23 5.82
C GLY D 37 -33.07 5.14 6.55
N ASN D 38 -33.11 3.94 5.95
CA ASN D 38 -33.61 2.70 6.53
C ASN D 38 -32.54 1.84 7.21
N VAL D 39 -32.80 1.40 8.45
CA VAL D 39 -31.92 0.47 9.14
C VAL D 39 -31.85 -0.91 8.53
N LYS D 40 -30.64 -1.47 8.60
CA LYS D 40 -30.32 -2.83 8.26
C LYS D 40 -29.33 -3.35 9.34
N HIS D 41 -29.19 -4.67 9.49
CA HIS D 41 -28.22 -5.25 10.38
C HIS D 41 -27.33 -6.23 9.65
N LEU D 42 -26.10 -6.35 10.15
CA LEU D 42 -25.16 -7.28 9.63
C LEU D 42 -25.80 -8.67 9.71
N ALA D 43 -26.46 -8.98 10.82
CA ALA D 43 -27.15 -10.26 11.03
C ALA D 43 -28.16 -10.65 9.89
N ASP D 44 -28.72 -9.67 9.18
CA ASP D 44 -29.60 -9.96 8.06
C ASP D 44 -28.92 -10.78 7.03
N PHE D 45 -27.59 -10.82 7.03
CA PHE D 45 -26.93 -11.54 5.99
C PHE D 45 -26.45 -12.90 6.40
N LYS D 46 -26.73 -13.31 7.65
CA LYS D 46 -26.37 -14.65 8.12
C LYS D 46 -26.77 -15.63 7.09
N GLY D 47 -25.87 -16.54 6.73
CA GLY D 47 -26.09 -17.54 5.70
C GLY D 47 -25.34 -17.29 4.43
N LYS D 48 -24.83 -16.08 4.23
CA LYS D 48 -23.90 -15.87 3.15
C LYS D 48 -22.50 -15.58 3.64
N VAL D 49 -21.52 -15.88 2.80
CA VAL D 49 -20.20 -15.36 2.96
C VAL D 49 -20.34 -13.81 2.85
N ILE D 50 -19.78 -13.09 3.83
CA ILE D 50 -19.89 -11.60 3.92
C ILE D 50 -18.48 -11.01 3.87
N TYR D 51 -18.21 -10.19 2.85
CA TYR D 51 -17.01 -9.39 2.72
C TYR D 51 -17.36 -7.92 2.89
N ILE D 52 -16.86 -7.31 3.97
CA ILE D 52 -17.20 -5.93 4.37
C ILE D 52 -16.03 -4.98 4.09
N ASP D 53 -16.36 -3.82 3.58
CA ASP D 53 -15.40 -2.78 3.17
C ASP D 53 -15.80 -1.56 4.00
N LEU D 54 -15.03 -1.29 5.06
CA LEU D 54 -15.30 -0.11 5.85
C LEU D 54 -14.43 1.01 5.36
N TRP D 55 -15.05 2.15 5.07
CA TRP D 55 -14.34 3.19 4.29
C TRP D 55 -14.85 4.54 4.66
N ALA D 56 -14.21 5.60 4.14
CA ALA D 56 -14.73 6.95 4.33
C ALA D 56 -14.29 7.84 3.20
N THR D 57 -15.05 8.92 3.03
CA THR D 57 -14.86 9.80 1.86
C THR D 57 -13.47 10.49 1.72
N TRP D 58 -12.72 10.65 2.80
CA TRP D 58 -11.48 11.46 2.75
C TRP D 58 -10.27 10.53 2.74
N CYS D 59 -10.55 9.24 2.80
CA CYS D 59 -9.51 8.22 2.87
C CYS D 59 -9.11 7.74 1.50
N GLY D 60 -7.97 8.22 1.01
CA GLY D 60 -7.48 7.84 -0.31
C GLY D 60 -7.39 6.35 -0.59
N PRO D 61 -6.69 5.61 0.26
CA PRO D 61 -6.57 4.18 0.06
C PRO D 61 -7.91 3.47 0.04
N CYS D 62 -8.86 3.90 0.87
CA CYS D 62 -10.20 3.32 0.87
C CYS D 62 -10.84 3.46 -0.51
N ILE D 63 -10.88 4.68 -0.96
CA ILE D 63 -11.44 5.05 -2.24
C ILE D 63 -10.71 4.43 -3.44
N GLN D 64 -9.40 4.24 -3.33
CA GLN D 64 -8.65 3.38 -4.27
C GLN D 64 -9.09 1.95 -4.43
N GLU D 65 -9.74 1.38 -3.42
CA GLU D 65 -10.07 -0.03 -3.52
C GLU D 65 -11.48 -0.17 -4.04
N SER D 66 -12.18 0.95 -4.15
CA SER D 66 -13.60 0.87 -4.42
C SER D 66 -13.85 0.26 -5.80
N PRO D 67 -13.08 0.67 -6.86
CA PRO D 67 -13.24 -0.06 -8.09
C PRO D 67 -13.15 -1.59 -7.96
N ALA D 68 -12.22 -2.11 -7.15
CA ALA D 68 -11.97 -3.56 -7.08
C ALA D 68 -13.06 -4.24 -6.31
N PHE D 69 -13.61 -3.51 -5.35
CA PHE D 69 -14.65 -4.09 -4.50
C PHE D 69 -15.91 -4.24 -5.37
N GLU D 70 -16.26 -3.19 -6.10
CA GLU D 70 -17.35 -3.32 -7.10
C GLU D 70 -17.13 -4.48 -8.08
N ALA D 71 -15.93 -4.59 -8.66
CA ALA D 71 -15.65 -5.68 -9.61
C ALA D 71 -15.74 -7.05 -8.94
N LEU D 72 -15.49 -7.13 -7.64
CA LEU D 72 -15.71 -8.40 -6.97
C LEU D 72 -17.20 -8.69 -6.90
N GLY D 73 -18.01 -7.66 -6.67
CA GLY D 73 -19.48 -7.85 -6.62
C GLY D 73 -20.02 -8.35 -7.95
N LYS D 74 -19.55 -7.76 -9.02
CA LYS D 74 -19.83 -8.24 -10.36
C LYS D 74 -19.37 -9.69 -10.55
N LYS D 75 -18.08 -9.92 -10.36
CA LYS D 75 -17.49 -11.22 -10.62
C LYS D 75 -18.22 -12.35 -9.88
N TYR D 76 -18.69 -12.13 -8.64
CA TYR D 76 -19.32 -13.19 -7.84
C TYR D 76 -20.85 -13.12 -7.79
N VAL D 77 -21.45 -12.41 -8.74
CA VAL D 77 -22.90 -12.46 -8.87
C VAL D 77 -23.33 -13.93 -8.98
N GLY D 78 -24.30 -14.32 -8.17
CA GLY D 78 -24.83 -15.66 -8.27
C GLY D 78 -24.16 -16.68 -7.38
N LYS D 79 -23.06 -16.28 -6.69
CA LYS D 79 -22.43 -17.15 -5.66
C LYS D 79 -22.92 -16.69 -4.30
N ASP D 80 -22.81 -17.49 -3.25
CA ASP D 80 -23.43 -17.15 -1.96
C ASP D 80 -22.60 -16.25 -1.05
N ILE D 81 -22.32 -15.06 -1.56
CA ILE D 81 -21.55 -14.09 -0.87
C ILE D 81 -22.20 -12.75 -1.14
N VAL D 82 -22.14 -11.89 -0.15
CA VAL D 82 -22.56 -10.53 -0.29
C VAL D 82 -21.37 -9.60 -0.03
N PHE D 83 -21.36 -8.48 -0.73
CA PHE D 83 -20.36 -7.43 -0.54
C PHE D 83 -20.98 -6.18 0.10
N LEU D 84 -20.57 -5.89 1.32
CA LEU D 84 -21.10 -4.74 2.01
C LEU D 84 -20.13 -3.55 2.09
N PRO D 85 -20.37 -2.46 1.30
CA PRO D 85 -19.56 -1.28 1.49
C PRO D 85 -20.15 -0.40 2.58
N VAL D 86 -19.45 -0.20 3.69
CA VAL D 86 -20.06 0.47 4.83
C VAL D 86 -19.25 1.74 5.13
N SER D 87 -19.81 2.91 4.85
CA SER D 87 -19.15 4.16 5.19
C SER D 87 -19.13 4.43 6.68
N THR D 88 -17.99 4.98 7.16
CA THR D 88 -17.84 5.35 8.57
C THR D 88 -17.68 6.84 8.66
N ASP D 89 -18.02 7.56 7.62
CA ASP D 89 -18.07 8.97 7.73
C ASP D 89 -18.82 9.37 9.01
N THR D 90 -18.35 10.42 9.64
CA THR D 90 -18.93 10.88 10.87
C THR D 90 -20.40 11.29 10.72
N THR D 91 -20.73 11.96 9.62
CA THR D 91 -22.12 12.28 9.27
C THR D 91 -22.46 11.66 7.91
N THR D 92 -23.74 11.45 7.66
CA THR D 92 -24.21 10.91 6.39
C THR D 92 -24.03 11.91 5.22
N LYS D 93 -23.96 13.19 5.53
CA LYS D 93 -23.96 14.22 4.47
C LYS D 93 -22.81 14.08 3.43
N PRO D 94 -21.53 14.08 3.86
CA PRO D 94 -20.48 13.86 2.83
C PRO D 94 -20.58 12.51 2.10
N TRP D 95 -21.16 11.51 2.75
CA TRP D 95 -21.32 10.15 2.16
C TRP D 95 -22.30 10.18 0.97
N LEU D 96 -23.45 10.77 1.22
CA LEU D 96 -24.45 10.93 0.17
C LEU D 96 -23.93 11.90 -0.91
N ARG D 97 -23.15 12.92 -0.55
CA ARG D 97 -22.64 13.83 -1.59
C ARG D 97 -21.72 13.06 -2.47
N TYR D 98 -20.79 12.33 -1.88
CA TYR D 98 -19.89 11.53 -2.68
C TYR D 98 -20.62 10.52 -3.59
N LEU D 99 -21.68 9.89 -3.07
CA LEU D 99 -22.38 8.90 -3.84
C LEU D 99 -23.14 9.53 -5.04
N ASP D 100 -23.60 10.77 -4.93
CA ASP D 100 -24.26 11.45 -6.08
C ASP D 100 -23.33 11.65 -7.24
N GLY D 101 -22.08 11.98 -6.95
CA GLY D 101 -21.07 12.16 -7.98
C GLY D 101 -20.32 10.90 -8.38
N HIS D 102 -20.59 9.74 -7.79
CA HIS D 102 -19.85 8.53 -8.17
C HIS D 102 -20.82 7.36 -8.00
N LYS D 103 -21.41 6.87 -9.08
CA LYS D 103 -22.39 5.78 -8.98
C LYS D 103 -21.72 4.38 -8.89
N LYS D 104 -22.44 3.45 -8.24
CA LYS D 104 -21.91 2.15 -7.82
C LYS D 104 -22.94 1.06 -8.10
N GLU D 105 -22.54 -0.13 -8.51
CA GLU D 105 -23.53 -1.19 -8.59
C GLU D 105 -24.02 -1.67 -7.20
N LEU D 106 -23.13 -1.73 -6.20
CA LEU D 106 -23.49 -2.41 -4.96
C LEU D 106 -24.35 -1.47 -4.17
N THR D 107 -25.25 -2.05 -3.41
CA THR D 107 -26.00 -1.32 -2.41
C THR D 107 -25.04 -0.76 -1.35
N GLN D 108 -25.20 0.51 -1.04
CA GLN D 108 -24.33 1.24 -0.16
C GLN D 108 -24.89 1.39 1.23
N TYR D 109 -24.02 1.25 2.23
CA TYR D 109 -24.45 1.44 3.62
C TYR D 109 -23.53 2.38 4.38
N HIS D 110 -24.01 2.82 5.50
CA HIS D 110 -23.32 3.76 6.37
C HIS D 110 -23.57 3.34 7.81
N SER D 111 -22.54 3.44 8.65
CA SER D 111 -22.71 3.15 10.07
C SER D 111 -21.83 4.00 10.97
N ASN D 112 -22.45 4.42 12.06
CA ASN D 112 -21.86 5.09 13.21
C ASN D 112 -22.05 4.33 14.56
N ASP D 113 -22.49 3.09 14.43
CA ASP D 113 -22.76 2.21 15.58
C ASP D 113 -21.46 2.04 16.38
N VAL D 114 -21.48 2.60 17.59
CA VAL D 114 -20.49 2.35 18.65
C VAL D 114 -19.95 0.90 18.63
N ALA D 115 -20.76 -0.05 18.22
CA ALA D 115 -20.28 -1.43 18.20
C ALA D 115 -19.12 -1.68 17.23
N LEU D 116 -18.96 -0.84 16.23
CA LEU D 116 -17.82 -1.00 15.35
C LEU D 116 -16.46 -0.79 16.07
N LYS D 117 -16.42 0.20 16.93
CA LYS D 117 -15.21 0.57 17.62
C LYS D 117 -15.06 -0.30 18.86
N GLU D 118 -16.19 -0.67 19.48
CA GLU D 118 -16.16 -1.39 20.75
C GLU D 118 -16.23 -2.91 20.69
N SER D 119 -16.79 -3.50 19.65
CA SER D 119 -16.79 -4.95 19.52
C SER D 119 -15.91 -5.40 18.39
N TRP D 120 -15.81 -4.61 17.34
CA TRP D 120 -14.98 -5.02 16.25
C TRP D 120 -13.60 -4.33 16.29
N ALA D 121 -13.36 -3.50 17.31
CA ALA D 121 -12.09 -2.74 17.43
C ALA D 121 -11.73 -2.08 16.13
N ILE D 122 -12.70 -1.49 15.47
CA ILE D 122 -12.42 -0.73 14.31
C ILE D 122 -11.96 0.66 14.78
N MET D 123 -10.64 0.76 15.04
CA MET D 123 -9.98 2.02 15.38
C MET D 123 -9.55 2.79 14.11
N TYR D 124 -9.26 2.07 13.03
CA TYR D 124 -8.76 2.73 11.81
C TYR D 124 -9.43 2.21 10.56
N ILE D 125 -9.47 3.03 9.52
CA ILE D 125 -9.83 2.54 8.20
C ILE D 125 -8.69 2.72 7.18
N PRO D 126 -8.70 2.01 6.03
CA PRO D 126 -9.62 0.96 5.46
C PRO D 126 -9.60 -0.21 6.41
N ARG D 127 -10.70 -0.92 6.51
CA ARG D 127 -10.78 -2.15 7.26
C ARG D 127 -11.63 -3.16 6.43
N PHE D 128 -11.10 -4.35 6.20
CA PHE D 128 -11.79 -5.38 5.45
C PHE D 128 -12.04 -6.56 6.38
N ILE D 129 -13.25 -7.11 6.31
CA ILE D 129 -13.64 -8.18 7.12
C ILE D 129 -14.32 -9.29 6.30
N LEU D 130 -13.96 -10.55 6.57
CA LEU D 130 -14.55 -11.71 5.91
C LEU D 130 -15.17 -12.68 6.94
N ILE D 131 -16.48 -12.89 6.80
CA ILE D 131 -17.31 -13.66 7.73
C ILE D 131 -17.94 -14.85 6.92
N ASP D 132 -18.18 -16.01 7.55
CA ASP D 132 -18.60 -17.19 6.72
C ASP D 132 -20.07 -17.47 6.78
N LYS D 133 -20.52 -18.44 5.96
CA LYS D 133 -21.95 -18.72 5.88
C LYS D 133 -22.46 -18.98 7.27
N ASP D 134 -21.62 -19.53 8.15
CA ASP D 134 -22.05 -19.79 9.54
C ASP D 134 -22.10 -18.56 10.42
N PHE D 135 -21.67 -17.42 9.88
CA PHE D 135 -21.60 -16.19 10.65
C PHE D 135 -20.45 -16.26 11.66
N ASN D 136 -19.37 -16.91 11.26
CA ASN D 136 -18.14 -16.90 12.00
C ASN D 136 -17.10 -16.13 11.22
N ILE D 137 -16.22 -15.47 11.94
CA ILE D 137 -15.08 -14.81 11.34
C ILE D 137 -14.18 -15.79 10.61
N VAL D 138 -13.84 -15.49 9.34
CA VAL D 138 -12.69 -16.15 8.65
C VAL D 138 -11.40 -15.34 8.87
N ASN D 139 -11.49 -14.04 8.66
CA ASN D 139 -10.35 -13.13 8.83
C ASN D 139 -10.92 -11.74 9.15
N ALA D 140 -10.79 -11.35 10.40
CA ALA D 140 -11.18 -10.02 10.82
C ALA D 140 -10.32 -8.86 10.26
N TYR D 141 -9.18 -9.18 9.61
CA TYR D 141 -8.27 -8.19 8.99
C TYR D 141 -7.87 -8.71 7.64
N ALA D 142 -8.88 -8.77 6.78
CA ALA D 142 -8.78 -9.56 5.58
C ALA D 142 -8.03 -8.76 4.60
N PRO D 143 -7.48 -9.41 3.61
CA PRO D 143 -6.86 -8.69 2.54
C PRO D 143 -7.79 -7.70 1.83
N ARG D 144 -7.15 -6.81 1.11
CA ARG D 144 -7.78 -5.75 0.37
C ARG D 144 -8.49 -6.26 -0.90
N PRO D 145 -9.54 -5.53 -1.30
CA PRO D 145 -10.36 -5.99 -2.46
C PRO D 145 -9.56 -6.09 -3.77
N SER D 146 -8.54 -5.24 -3.96
CA SER D 146 -7.73 -5.25 -5.20
C SER D 146 -6.69 -6.40 -5.28
N SER D 147 -6.44 -7.09 -4.16
CA SER D 147 -5.43 -8.14 -4.07
C SER D 147 -5.87 -9.40 -4.76
N GLU D 148 -4.91 -10.13 -5.31
CA GLU D 148 -5.16 -11.48 -5.78
C GLU D 148 -5.58 -12.35 -4.66
N GLU D 149 -5.07 -12.05 -3.47
CA GLU D 149 -5.26 -12.96 -2.33
C GLU D 149 -6.73 -13.03 -1.89
N ILE D 150 -7.46 -11.92 -1.91
CA ILE D 150 -8.88 -11.94 -1.54
C ILE D 150 -9.72 -12.90 -2.40
N GLY D 151 -9.44 -12.95 -3.70
CA GLY D 151 -10.11 -13.89 -4.61
C GLY D 151 -9.91 -15.32 -4.16
N THR D 152 -8.65 -15.67 -3.92
CA THR D 152 -8.28 -17.03 -3.60
C THR D 152 -8.91 -17.36 -2.28
N LEU D 153 -8.93 -16.43 -1.35
CA LEU D 153 -9.49 -16.69 -0.03
C LEU D 153 -10.99 -16.83 -0.02
N ILE D 154 -11.64 -15.97 -0.80
CA ILE D 154 -13.06 -16.05 -1.00
C ILE D 154 -13.37 -17.37 -1.70
N ASP D 155 -12.64 -17.69 -2.74
CA ASP D 155 -12.90 -19.00 -3.38
C ASP D 155 -12.86 -20.13 -2.39
N SER D 156 -11.90 -20.05 -1.46
CA SER D 156 -11.77 -21.06 -0.41
C SER D 156 -12.88 -21.13 0.56
N VAL D 157 -13.53 -20.02 0.90
CA VAL D 157 -14.66 -20.13 1.83
C VAL D 157 -15.97 -20.68 1.16
N LEU D 158 -16.06 -20.67 -0.18
CA LEU D 158 -17.26 -21.22 -0.87
C LEU D 158 -17.14 -22.71 -1.30
#